data_5U4B
#
_entry.id   5U4B
#
_cell.length_a   43.052
_cell.length_b   85.446
_cell.length_c   64.107
_cell.angle_alpha   90.000
_cell.angle_beta   90.000
_cell.angle_gamma   90.000
#
_symmetry.space_group_name_H-M   'P 21 21 2'
#
loop_
_entity.id
_entity.type
_entity.pdbx_description
1 polymer Transthyretin
2 non-polymer '3-[(E)-2-(4-hydroxyphenyl)ethenyl]benzoic acid'
3 water water
#
_entity_poly.entity_id   1
_entity_poly.type   'polypeptide(L)'
_entity_poly.pdbx_seq_one_letter_code
;MGPTGTGESKCPLMVKVLDAVRGSPAINVAVHVFRKAADDTWEPFASGKTSESGELHGLTTEEEFVEGIYKVEIDTKSYW
KALGISPFHEHAEVVFTANDSGPRRYTIAALLSPYSYSTTAVVTNPKE
;
_entity_poly.pdbx_strand_id   A,B
#
loop_
_chem_comp.id
_chem_comp.type
_chem_comp.name
_chem_comp.formula
XOS non-polymer '3-[(E)-2-(4-hydroxyphenyl)ethenyl]benzoic acid' 'C15 H12 O3'
#
# COMPACT_ATOMS: atom_id res chain seq x y z
N CYS A 11 19.54 -14.08 -1.35
CA CYS A 11 18.66 -12.91 -1.38
C CYS A 11 17.36 -13.21 -0.65
N PRO A 12 17.29 -12.84 0.64
CA PRO A 12 16.08 -13.05 1.44
C PRO A 12 14.98 -12.05 1.16
N LEU A 13 15.31 -10.92 0.52
CA LEU A 13 14.31 -9.90 0.19
C LEU A 13 14.62 -9.32 -1.16
N MET A 14 13.69 -9.47 -2.10
CA MET A 14 13.84 -8.95 -3.46
C MET A 14 12.58 -8.19 -3.82
N VAL A 15 12.73 -7.13 -4.60
CA VAL A 15 11.58 -6.34 -5.04
C VAL A 15 11.57 -6.27 -6.56
N LYS A 16 10.41 -6.51 -7.16
CA LYS A 16 10.26 -6.46 -8.62
C LYS A 16 9.09 -5.53 -8.96
N VAL A 17 9.29 -4.64 -9.92
CA VAL A 17 8.28 -3.64 -10.26
C VAL A 17 8.07 -3.64 -11.76
N LEU A 18 6.81 -3.65 -12.17
CA LEU A 18 6.39 -3.67 -13.57
C LEU A 18 5.52 -2.46 -13.88
N ASP A 19 5.61 -1.99 -15.12
CA ASP A 19 4.83 -0.84 -15.61
C ASP A 19 3.72 -1.33 -16.53
N ALA A 20 2.46 -1.12 -16.12
CA ALA A 20 1.29 -1.63 -16.84
C ALA A 20 0.86 -0.72 -17.99
N VAL A 21 1.43 0.48 -18.07
CA VAL A 21 1.17 1.39 -19.17
C VAL A 21 2.05 1.04 -20.37
N ARG A 22 3.32 0.77 -20.10
CA ARG A 22 4.31 0.50 -21.14
C ARG A 22 4.50 -0.98 -21.45
N GLY A 23 4.07 -1.86 -20.56
CA GLY A 23 4.33 -3.29 -20.73
C GLY A 23 5.82 -3.59 -20.63
N SER A 24 6.43 -3.09 -19.56
CA SER A 24 7.87 -3.19 -19.39
CA SER A 24 7.88 -3.19 -19.39
C SER A 24 8.20 -3.26 -17.91
N PRO A 25 9.44 -3.65 -17.60
CA PRO A 25 9.91 -3.46 -16.23
C PRO A 25 9.85 -1.97 -15.90
N ALA A 26 9.59 -1.65 -14.64
CA ALA A 26 9.69 -0.28 -14.15
C ALA A 26 11.12 -0.06 -13.66
N ILE A 27 11.89 0.71 -14.43
CA ILE A 27 13.31 0.88 -14.21
C ILE A 27 13.58 2.12 -13.36
N ASN A 28 14.61 2.05 -12.51
CA ASN A 28 15.04 3.21 -11.73
CA ASN A 28 15.05 3.20 -11.72
C ASN A 28 14.00 3.67 -10.73
N VAL A 29 13.24 2.73 -10.20
CA VAL A 29 12.25 3.04 -9.15
C VAL A 29 12.94 2.96 -7.79
N ALA A 30 12.86 4.06 -7.03
CA ALA A 30 13.46 4.07 -5.69
C ALA A 30 12.61 3.25 -4.73
N VAL A 31 13.29 2.49 -3.87
CA VAL A 31 12.64 1.65 -2.86
C VAL A 31 13.32 1.86 -1.50
N HIS A 32 12.54 2.15 -0.47
CA HIS A 32 13.07 2.31 0.88
C HIS A 32 12.41 1.28 1.79
N VAL A 33 13.22 0.53 2.54
CA VAL A 33 12.69 -0.48 3.46
C VAL A 33 12.91 0.02 4.88
N PHE A 34 11.89 -0.14 5.71
CA PHE A 34 11.94 0.23 7.12
C PHE A 34 11.58 -0.96 7.98
N ARG A 35 12.02 -0.95 9.24
CA ARG A 35 11.70 -2.02 10.18
C ARG A 35 11.21 -1.37 11.46
N LYS A 36 10.12 -1.87 12.01
CA LYS A 36 9.56 -1.27 13.23
C LYS A 36 10.49 -1.54 14.42
N ALA A 37 10.87 -0.48 15.12
CA ALA A 37 11.74 -0.60 16.29
C ALA A 37 10.93 -0.87 17.56
N ALA A 38 11.63 -1.08 18.66
CA ALA A 38 10.99 -1.42 19.92
C ALA A 38 10.10 -0.30 20.42
N ASP A 39 10.41 0.93 20.04
CA ASP A 39 9.59 2.08 20.42
C ASP A 39 8.46 2.37 19.44
N ASP A 40 8.24 1.46 18.50
CA ASP A 40 7.13 1.56 17.54
C ASP A 40 7.34 2.56 16.41
N THR A 41 8.56 3.06 16.26
CA THR A 41 8.90 3.93 15.14
C THR A 41 9.47 3.12 13.98
N TRP A 42 9.38 3.69 12.77
CA TRP A 42 9.93 3.06 11.57
C TRP A 42 11.39 3.44 11.35
N GLU A 43 12.29 2.50 11.61
CA GLU A 43 13.72 2.72 11.44
CA GLU A 43 13.71 2.74 11.43
C GLU A 43 14.14 2.38 10.01
N PRO A 44 14.96 3.25 9.38
CA PRO A 44 15.48 2.93 8.06
C PRO A 44 16.27 1.62 8.08
N PHE A 45 15.97 0.73 7.15
CA PHE A 45 16.57 -0.59 7.12
C PHE A 45 17.50 -0.85 5.91
N ALA A 46 17.02 -0.52 4.72
CA ALA A 46 17.82 -0.66 3.51
C ALA A 46 17.12 0.12 2.43
N SER A 47 17.85 0.50 1.38
CA SER A 47 17.22 1.13 0.23
C SER A 47 17.99 0.82 -1.05
N GLY A 48 17.36 1.09 -2.19
CA GLY A 48 18.02 0.91 -3.47
C GLY A 48 17.07 1.33 -4.58
N LYS A 49 17.42 0.99 -5.82
CA LYS A 49 16.52 1.26 -6.93
C LYS A 49 16.49 0.09 -7.89
N THR A 50 15.39 -0.04 -8.62
CA THR A 50 15.24 -1.15 -9.57
C THR A 50 16.18 -0.98 -10.78
N SER A 51 16.64 -2.12 -11.26
CA SER A 51 17.54 -2.20 -12.40
C SER A 51 16.76 -2.17 -13.72
N GLU A 52 17.47 -2.39 -14.82
CA GLU A 52 16.85 -2.42 -16.14
C GLU A 52 15.83 -3.57 -16.26
N SER A 53 15.94 -4.57 -15.40
CA SER A 53 14.99 -5.69 -15.38
C SER A 53 13.80 -5.45 -14.45
N GLY A 54 13.79 -4.30 -13.79
CA GLY A 54 12.75 -3.95 -12.82
C GLY A 54 12.95 -4.61 -11.47
N GLU A 55 14.13 -5.21 -11.28
CA GLU A 55 14.42 -5.93 -10.05
C GLU A 55 15.39 -5.19 -9.16
N LEU A 56 15.21 -5.38 -7.85
CA LEU A 56 16.14 -4.82 -6.88
C LEU A 56 16.62 -5.94 -5.99
N HIS A 57 17.90 -6.23 -6.12
CA HIS A 57 18.55 -7.31 -5.36
C HIS A 57 19.55 -6.72 -4.38
N GLY A 58 19.93 -7.53 -3.39
CA GLY A 58 21.00 -7.15 -2.49
C GLY A 58 20.63 -6.18 -1.39
N LEU A 59 19.34 -6.00 -1.14
CA LEU A 59 18.91 -5.12 -0.05
C LEU A 59 19.47 -5.52 1.32
N THR A 60 19.48 -6.82 1.59
CA THR A 60 19.84 -7.28 2.93
C THR A 60 20.50 -8.66 2.90
N THR A 61 20.75 -9.22 4.08
CA THR A 61 21.39 -10.53 4.20
C THR A 61 20.56 -11.40 5.12
N GLU A 62 20.79 -12.71 5.08
CA GLU A 62 20.14 -13.63 6.01
C GLU A 62 20.40 -13.24 7.47
N GLU A 63 21.61 -12.81 7.78
CA GLU A 63 21.94 -12.43 9.16
C GLU A 63 21.20 -11.17 9.62
N GLU A 64 21.14 -10.16 8.77
CA GLU A 64 20.58 -8.87 9.10
CA GLU A 64 20.57 -8.89 9.19
C GLU A 64 19.04 -8.86 9.10
N PHE A 65 18.46 -9.70 8.25
CA PHE A 65 17.01 -9.74 8.06
C PHE A 65 16.33 -10.63 9.10
N VAL A 66 16.33 -10.12 10.33
CA VAL A 66 15.75 -10.83 11.46
C VAL A 66 14.23 -10.72 11.48
N GLU A 67 13.59 -11.39 12.43
CA GLU A 67 12.16 -11.22 12.65
C GLU A 67 11.84 -9.76 12.80
N GLY A 68 10.68 -9.34 12.33
CA GLY A 68 10.24 -7.97 12.55
C GLY A 68 9.06 -7.62 11.67
N ILE A 69 8.56 -6.42 11.83
CA ILE A 69 7.57 -5.88 10.94
C ILE A 69 8.28 -4.91 10.03
N TYR A 70 8.19 -5.17 8.73
CA TYR A 70 8.89 -4.40 7.71
C TYR A 70 7.92 -3.62 6.85
N LYS A 71 8.37 -2.46 6.39
CA LYS A 71 7.63 -1.66 5.43
C LYS A 71 8.51 -1.43 4.22
N VAL A 72 8.02 -1.84 3.05
CA VAL A 72 8.67 -1.58 1.77
C VAL A 72 7.90 -0.48 1.07
N GLU A 73 8.54 0.68 0.97
CA GLU A 73 7.95 1.85 0.32
CA GLU A 73 7.93 1.83 0.32
C GLU A 73 8.52 1.97 -1.09
N ILE A 74 7.65 1.90 -2.10
CA ILE A 74 8.07 1.96 -3.49
C ILE A 74 7.68 3.34 -4.00
N ASP A 75 8.64 4.11 -4.47
CA ASP A 75 8.40 5.52 -4.75
C ASP A 75 7.81 5.71 -6.15
N THR A 76 6.52 5.38 -6.25
CA THR A 76 5.82 5.37 -7.52
C THR A 76 5.59 6.77 -8.07
N LYS A 77 5.37 7.76 -7.21
CA LYS A 77 5.08 9.11 -7.70
C LYS A 77 6.28 9.68 -8.45
N SER A 78 7.47 9.52 -7.88
CA SER A 78 8.71 9.99 -8.50
C SER A 78 8.92 9.28 -9.84
N TYR A 79 8.58 8.00 -9.90
CA TYR A 79 8.66 7.24 -11.15
C TYR A 79 7.75 7.81 -12.25
N TRP A 80 6.48 8.03 -11.93
CA TRP A 80 5.52 8.48 -12.93
C TRP A 80 5.80 9.91 -13.39
N LYS A 81 6.24 10.75 -12.46
CA LYS A 81 6.50 12.15 -12.79
C LYS A 81 7.60 12.29 -13.85
N ALA A 82 8.65 11.47 -13.72
CA ALA A 82 9.76 11.49 -14.66
C ALA A 82 9.34 11.13 -16.08
N LEU A 83 8.18 10.48 -16.22
CA LEU A 83 7.65 10.09 -17.52
C LEU A 83 6.53 11.01 -18.02
N GLY A 84 6.24 12.08 -17.27
CA GLY A 84 5.25 13.06 -17.69
C GLY A 84 3.82 12.71 -17.29
N ILE A 85 3.69 11.83 -16.30
CA ILE A 85 2.37 11.48 -15.79
C ILE A 85 2.25 11.96 -14.35
N SER A 86 1.17 12.68 -14.05
CA SER A 86 0.86 13.08 -12.70
C SER A 86 -0.02 12.00 -12.11
N PRO A 87 0.55 11.16 -11.22
CA PRO A 87 -0.15 9.98 -10.72
C PRO A 87 -0.95 10.29 -9.47
N PHE A 88 -1.73 9.32 -9.04
CA PHE A 88 -2.59 9.49 -7.88
C PHE A 88 -1.85 9.31 -6.56
N HIS A 89 -1.12 8.20 -6.43
CA HIS A 89 -0.54 7.82 -5.15
C HIS A 89 0.81 8.46 -4.89
N GLU A 90 1.13 8.65 -3.62
CA GLU A 90 2.44 9.14 -3.24
C GLU A 90 3.48 8.02 -3.38
N HIS A 91 3.12 6.83 -2.95
CA HIS A 91 3.96 5.67 -3.09
C HIS A 91 3.09 4.44 -2.91
N ALA A 92 3.70 3.27 -3.05
CA ALA A 92 3.02 2.05 -2.68
C ALA A 92 3.75 1.52 -1.47
N GLU A 93 3.01 1.31 -0.37
CA GLU A 93 3.57 0.78 0.88
C GLU A 93 3.18 -0.67 1.04
N VAL A 94 4.14 -1.52 1.38
CA VAL A 94 3.87 -2.92 1.61
C VAL A 94 4.37 -3.25 3.01
N VAL A 95 3.47 -3.58 3.92
CA VAL A 95 3.82 -3.77 5.34
C VAL A 95 3.50 -5.20 5.76
N PHE A 96 4.47 -5.88 6.34
CA PHE A 96 4.34 -7.30 6.63
C PHE A 96 5.26 -7.75 7.76
N THR A 97 4.81 -8.75 8.50
CA THR A 97 5.70 -9.44 9.44
C THR A 97 6.54 -10.47 8.70
N ALA A 98 7.84 -10.45 8.96
CA ALA A 98 8.77 -11.38 8.30
C ALA A 98 9.48 -12.29 9.28
N ASN A 99 9.74 -13.52 8.84
CA ASN A 99 10.62 -14.47 9.52
C ASN A 99 10.12 -14.94 10.89
N ASP A 100 8.82 -14.84 11.12
CA ASP A 100 8.29 -15.17 12.43
C ASP A 100 8.22 -16.68 12.67
N SER A 101 8.36 -17.47 11.60
CA SER A 101 8.43 -18.93 11.74
C SER A 101 9.77 -19.43 11.22
N GLY A 102 10.81 -18.62 11.37
CA GLY A 102 12.10 -18.96 10.81
C GLY A 102 12.33 -18.19 9.51
N PRO A 103 13.56 -18.24 9.01
CA PRO A 103 13.94 -17.48 7.80
C PRO A 103 13.14 -17.92 6.58
N ARG A 104 12.66 -16.93 5.82
CA ARG A 104 12.04 -17.20 4.53
C ARG A 104 12.64 -16.25 3.49
N ARG A 105 12.41 -16.56 2.23
CA ARG A 105 12.79 -15.66 1.14
C ARG A 105 11.53 -14.96 0.64
N TYR A 106 11.60 -13.64 0.53
CA TYR A 106 10.44 -12.84 0.13
C TYR A 106 10.69 -12.10 -1.17
N THR A 107 9.80 -12.30 -2.14
CA THR A 107 9.74 -11.42 -3.30
C THR A 107 8.49 -10.56 -3.20
N ILE A 108 8.69 -9.24 -3.22
CA ILE A 108 7.58 -8.29 -3.25
C ILE A 108 7.46 -7.77 -4.66
N ALA A 109 6.34 -8.06 -5.32
CA ALA A 109 6.11 -7.60 -6.68
C ALA A 109 5.06 -6.51 -6.70
N ALA A 110 5.25 -5.53 -7.56
CA ALA A 110 4.26 -4.47 -7.72
C ALA A 110 4.04 -4.19 -9.19
N LEU A 111 2.77 -4.03 -9.57
CA LEU A 111 2.38 -3.70 -10.93
C LEU A 111 1.75 -2.32 -10.89
N LEU A 112 2.32 -1.38 -11.63
CA LEU A 112 1.98 0.04 -11.51
C LEU A 112 1.17 0.62 -12.68
N SER A 113 0.13 1.39 -12.34
CA SER A 113 -0.55 2.28 -13.28
C SER A 113 -0.68 3.64 -12.60
N PRO A 114 -1.01 4.68 -13.38
CA PRO A 114 -1.03 6.02 -12.78
C PRO A 114 -2.03 6.18 -11.64
N TYR A 115 -3.18 5.51 -11.70
CA TYR A 115 -4.18 5.62 -10.63
C TYR A 115 -4.46 4.32 -9.89
N SER A 116 -3.56 3.35 -10.03
CA SER A 116 -3.78 2.03 -9.45
C SER A 116 -2.46 1.30 -9.28
N TYR A 117 -2.35 0.46 -8.26
CA TYR A 117 -1.27 -0.53 -8.23
C TYR A 117 -1.75 -1.79 -7.58
N SER A 118 -1.07 -2.88 -7.92
CA SER A 118 -1.31 -4.17 -7.30
CA SER A 118 -1.30 -4.15 -7.27
C SER A 118 0.02 -4.64 -6.73
N THR A 119 -0.03 -5.33 -5.61
CA THR A 119 1.17 -5.90 -5.05
C THR A 119 0.88 -7.29 -4.57
N THR A 120 1.87 -8.16 -4.70
CA THR A 120 1.75 -9.52 -4.21
CA THR A 120 1.75 -9.53 -4.23
C THR A 120 3.08 -9.95 -3.62
N ALA A 121 3.04 -10.99 -2.82
CA ALA A 121 4.27 -11.51 -2.22
C ALA A 121 4.39 -12.96 -2.62
N VAL A 122 5.60 -13.37 -2.96
CA VAL A 122 5.93 -14.78 -3.10
C VAL A 122 6.91 -15.13 -1.98
N VAL A 123 6.52 -16.08 -1.16
CA VAL A 123 7.29 -16.43 0.04
C VAL A 123 7.71 -17.88 -0.07
N THR A 124 9.02 -18.12 -0.03
CA THR A 124 9.53 -19.48 -0.16
C THR A 124 10.42 -19.84 1.03
N ASN A 125 10.52 -21.14 1.32
CA ASN A 125 11.32 -21.64 2.43
C ASN A 125 12.62 -22.25 1.92
N PRO A 126 13.76 -21.64 2.27
CA PRO A 126 15.09 -22.06 1.80
C PRO A 126 15.49 -23.43 2.34
N CYS B 11 -20.37 13.61 -0.20
CA CYS B 11 -19.43 12.53 0.07
C CYS B 11 -18.19 12.66 -0.81
N PRO B 12 -17.22 13.47 -0.37
CA PRO B 12 -16.00 13.64 -1.16
C PRO B 12 -15.07 12.43 -1.13
N LEU B 13 -15.22 11.54 -0.15
CA LEU B 13 -14.33 10.39 0.02
C LEU B 13 -15.13 9.16 0.41
N MET B 14 -15.05 8.12 -0.41
CA MET B 14 -15.70 6.84 -0.13
C MET B 14 -14.67 5.73 -0.27
N VAL B 15 -14.81 4.68 0.51
CA VAL B 15 -13.90 3.53 0.44
C VAL B 15 -14.72 2.28 0.16
N LYS B 16 -14.26 1.45 -0.79
CA LYS B 16 -14.94 0.22 -1.13
C LYS B 16 -13.93 -0.93 -1.08
N VAL B 17 -14.31 -2.02 -0.42
CA VAL B 17 -13.38 -3.14 -0.26
C VAL B 17 -14.06 -4.44 -0.70
N LEU B 18 -13.35 -5.19 -1.54
CA LEU B 18 -13.85 -6.45 -2.11
C LEU B 18 -12.96 -7.62 -1.75
N ASP B 19 -13.54 -8.81 -1.69
CA ASP B 19 -12.85 -10.04 -1.30
C ASP B 19 -12.72 -10.92 -2.55
N ALA B 20 -11.48 -11.14 -2.97
CA ALA B 20 -11.19 -11.87 -4.21
C ALA B 20 -11.19 -13.38 -4.02
N VAL B 21 -11.25 -13.84 -2.78
CA VAL B 21 -11.31 -15.26 -2.46
C VAL B 21 -12.75 -15.76 -2.48
N ARG B 22 -13.63 -14.99 -1.86
CA ARG B 22 -15.03 -15.38 -1.77
C ARG B 22 -15.91 -14.71 -2.84
N GLY B 23 -15.38 -13.72 -3.54
CA GLY B 23 -16.18 -13.05 -4.56
C GLY B 23 -17.32 -12.24 -3.96
N SER B 24 -17.00 -11.44 -2.96
CA SER B 24 -18.02 -10.76 -2.18
C SER B 24 -17.50 -9.42 -1.73
N PRO B 25 -18.39 -8.55 -1.27
CA PRO B 25 -17.90 -7.39 -0.52
C PRO B 25 -17.12 -7.87 0.70
N ALA B 26 -16.13 -7.09 1.13
CA ALA B 26 -15.45 -7.33 2.40
C ALA B 26 -16.16 -6.52 3.48
N ILE B 27 -16.89 -7.22 4.33
CA ILE B 27 -17.79 -6.61 5.30
C ILE B 27 -17.13 -6.48 6.68
N ASN B 28 -17.44 -5.38 7.37
CA ASN B 28 -16.95 -5.14 8.72
CA ASN B 28 -16.94 -5.14 8.72
C ASN B 28 -15.42 -5.01 8.78
N VAL B 29 -14.84 -4.45 7.73
CA VAL B 29 -13.41 -4.18 7.71
C VAL B 29 -13.15 -2.80 8.29
N ALA B 30 -12.25 -2.71 9.25
CA ALA B 30 -11.90 -1.40 9.81
C ALA B 30 -11.06 -0.60 8.85
N VAL B 31 -11.40 0.68 8.72
CA VAL B 31 -10.69 1.60 7.86
C VAL B 31 -10.38 2.85 8.65
N HIS B 32 -9.12 3.29 8.63
CA HIS B 32 -8.71 4.54 9.28
C HIS B 32 -8.09 5.49 8.27
N VAL B 33 -8.53 6.74 8.31
CA VAL B 33 -7.98 7.78 7.44
C VAL B 33 -7.18 8.74 8.30
N PHE B 34 -6.03 9.13 7.79
CA PHE B 34 -5.12 10.06 8.45
C PHE B 34 -4.80 11.21 7.50
N ARG B 35 -4.51 12.38 8.07
CA ARG B 35 -4.04 13.50 7.28
C ARG B 35 -2.65 13.85 7.73
N LYS B 36 -1.76 14.11 6.78
CA LYS B 36 -0.37 14.40 7.15
C LYS B 36 -0.26 15.80 7.73
N ALA B 37 0.35 15.91 8.90
CA ALA B 37 0.48 17.18 9.58
C ALA B 37 1.76 17.91 9.18
N ALA B 38 1.88 19.16 9.61
CA ALA B 38 3.02 20.00 9.24
C ALA B 38 4.36 19.41 9.65
N ASP B 39 4.35 18.60 10.71
CA ASP B 39 5.58 17.97 11.19
C ASP B 39 5.79 16.56 10.62
N ASP B 40 5.04 16.23 9.58
CA ASP B 40 5.17 14.94 8.87
C ASP B 40 4.55 13.75 9.60
N THR B 41 3.90 13.98 10.73
CA THR B 41 3.24 12.89 11.42
C THR B 41 1.84 12.68 10.87
N TRP B 42 1.30 11.49 11.09
CA TRP B 42 -0.04 11.17 10.61
C TRP B 42 -1.05 11.39 11.70
N GLU B 43 -1.95 12.35 11.50
CA GLU B 43 -2.99 12.63 12.47
CA GLU B 43 -2.99 12.60 12.49
C GLU B 43 -4.31 11.97 12.07
N PRO B 44 -4.97 11.30 13.02
CA PRO B 44 -6.28 10.69 12.75
C PRO B 44 -7.24 11.73 12.18
N PHE B 45 -7.98 11.31 11.15
CA PHE B 45 -8.88 12.19 10.42
C PHE B 45 -10.32 11.68 10.42
N ALA B 46 -10.51 10.39 10.15
CA ALA B 46 -11.83 9.78 10.13
C ALA B 46 -11.66 8.26 10.13
N SER B 47 -12.68 7.53 10.53
CA SER B 47 -12.59 6.07 10.49
C SER B 47 -13.98 5.44 10.50
N GLY B 48 -14.05 4.14 10.23
CA GLY B 48 -15.30 3.40 10.27
C GLY B 48 -15.09 1.95 9.89
N LYS B 49 -16.17 1.21 9.72
CA LYS B 49 -16.11 -0.19 9.27
C LYS B 49 -16.95 -0.32 8.01
N THR B 50 -16.49 -1.12 7.05
CA THR B 50 -17.27 -1.27 5.83
C THR B 50 -18.63 -1.94 6.13
N SER B 51 -19.61 -1.55 5.35
CA SER B 51 -20.98 -2.05 5.46
C SER B 51 -21.14 -3.40 4.80
N GLU B 52 -22.38 -3.88 4.74
CA GLU B 52 -22.70 -5.14 4.08
C GLU B 52 -22.40 -5.11 2.60
N SER B 53 -22.31 -3.92 2.02
CA SER B 53 -21.98 -3.76 0.61
C SER B 53 -20.48 -3.53 0.40
N GLY B 54 -19.70 -3.63 1.49
CA GLY B 54 -18.27 -3.42 1.44
C GLY B 54 -17.87 -1.96 1.34
N GLU B 55 -18.82 -1.05 1.59
CA GLU B 55 -18.58 0.37 1.41
C GLU B 55 -18.56 1.13 2.73
N LEU B 56 -17.82 2.22 2.75
CA LEU B 56 -17.77 3.10 3.91
C LEU B 56 -17.99 4.52 3.42
N HIS B 57 -19.17 5.06 3.77
CA HIS B 57 -19.57 6.39 3.38
C HIS B 57 -19.55 7.30 4.60
N GLY B 58 -19.64 8.60 4.37
CA GLY B 58 -19.77 9.55 5.45
C GLY B 58 -18.51 9.82 6.24
N LEU B 59 -17.36 9.53 5.66
CA LEU B 59 -16.09 9.73 6.36
C LEU B 59 -15.81 11.21 6.63
N THR B 60 -16.12 12.06 5.65
CA THR B 60 -15.78 13.46 5.80
C THR B 60 -16.78 14.33 5.03
N THR B 61 -16.56 15.64 5.03
CA THR B 61 -17.42 16.57 4.32
C THR B 61 -16.56 17.41 3.38
N GLU B 62 -17.21 18.09 2.43
CA GLU B 62 -16.46 18.97 1.54
C GLU B 62 -15.68 20.03 2.31
N GLU B 63 -16.28 20.61 3.34
CA GLU B 63 -15.62 21.66 4.11
C GLU B 63 -14.34 21.17 4.80
N GLU B 64 -14.35 19.93 5.31
CA GLU B 64 -13.22 19.42 6.07
CA GLU B 64 -13.21 19.43 6.07
C GLU B 64 -12.12 18.80 5.20
N PHE B 65 -12.51 18.28 4.04
CA PHE B 65 -11.59 17.57 3.15
C PHE B 65 -10.79 18.51 2.24
N VAL B 66 -9.89 19.27 2.86
CA VAL B 66 -9.06 20.22 2.14
C VAL B 66 -7.87 19.55 1.47
N GLU B 67 -7.21 20.25 0.57
CA GLU B 67 -6.01 19.72 -0.06
C GLU B 67 -4.98 19.32 0.98
N GLY B 68 -4.23 18.26 0.69
CA GLY B 68 -3.29 17.74 1.66
C GLY B 68 -2.97 16.31 1.31
N ILE B 69 -2.07 15.69 2.07
CA ILE B 69 -1.74 14.29 1.87
C ILE B 69 -2.51 13.45 2.88
N TYR B 70 -3.18 12.42 2.37
CA TYR B 70 -4.00 11.54 3.20
C TYR B 70 -3.54 10.11 3.08
N LYS B 71 -3.77 9.35 4.14
CA LYS B 71 -3.50 7.92 4.17
C LYS B 71 -4.75 7.19 4.58
N VAL B 72 -5.15 6.21 3.77
CA VAL B 72 -6.23 5.31 4.10
C VAL B 72 -5.64 3.96 4.44
N GLU B 73 -5.81 3.54 5.70
CA GLU B 73 -5.32 2.26 6.18
C GLU B 73 -6.49 1.30 6.31
N ILE B 74 -6.40 0.17 5.63
CA ILE B 74 -7.45 -0.84 5.65
C ILE B 74 -6.93 -2.04 6.44
N ASP B 75 -7.63 -2.43 7.50
CA ASP B 75 -7.15 -3.52 8.38
CA ASP B 75 -7.13 -3.49 8.36
C ASP B 75 -7.45 -4.89 7.81
N THR B 76 -6.67 -5.27 6.80
CA THR B 76 -6.84 -6.52 6.08
C THR B 76 -6.47 -7.73 6.93
N LYS B 77 -5.46 -7.62 7.79
CA LYS B 77 -5.04 -8.75 8.61
C LYS B 77 -6.18 -9.30 9.47
N SER B 78 -6.89 -8.41 10.17
CA SER B 78 -8.00 -8.82 11.02
C SER B 78 -9.11 -9.47 10.21
N TYR B 79 -9.36 -8.93 9.01
CA TYR B 79 -10.37 -9.50 8.13
C TYR B 79 -10.07 -10.95 7.79
N TRP B 80 -8.84 -11.24 7.37
CA TRP B 80 -8.46 -12.60 7.00
C TRP B 80 -8.43 -13.53 8.19
N LYS B 81 -7.94 -13.03 9.33
CA LYS B 81 -7.87 -13.87 10.52
C LYS B 81 -9.27 -14.30 10.98
N ALA B 82 -10.25 -13.43 10.82
CA ALA B 82 -11.63 -13.76 11.20
C ALA B 82 -12.21 -14.85 10.31
N LEU B 83 -11.62 -15.02 9.12
CA LEU B 83 -12.04 -16.06 8.18
C LEU B 83 -11.19 -17.31 8.30
N GLY B 84 -10.27 -17.32 9.27
CA GLY B 84 -9.39 -18.46 9.47
C GLY B 84 -8.30 -18.59 8.43
N ILE B 85 -7.99 -17.48 7.77
CA ILE B 85 -6.99 -17.49 6.72
C ILE B 85 -5.77 -16.67 7.14
N SER B 86 -4.58 -17.23 6.94
CA SER B 86 -3.37 -16.53 7.34
C SER B 86 -2.95 -15.59 6.21
N PRO B 87 -2.87 -14.29 6.49
CA PRO B 87 -2.52 -13.39 5.39
C PRO B 87 -1.10 -12.87 5.50
N PHE B 88 -0.65 -12.20 4.45
CA PHE B 88 0.70 -11.66 4.38
C PHE B 88 0.84 -10.26 5.00
N HIS B 89 -0.04 -9.34 4.62
CA HIS B 89 0.13 -7.94 5.00
C HIS B 89 -0.43 -7.64 6.37
N GLU B 90 0.17 -6.66 7.05
CA GLU B 90 -0.39 -6.15 8.29
C GLU B 90 -1.65 -5.36 7.99
N HIS B 91 -1.60 -4.59 6.92
CA HIS B 91 -2.75 -3.83 6.46
C HIS B 91 -2.47 -3.38 5.05
N ALA B 92 -3.46 -2.77 4.40
CA ALA B 92 -3.21 -2.12 3.12
C ALA B 92 -3.22 -0.62 3.37
N GLU B 93 -2.24 0.10 2.83
CA GLU B 93 -2.16 1.55 3.00
C GLU B 93 -2.22 2.25 1.66
N VAL B 94 -3.12 3.23 1.53
CA VAL B 94 -3.26 3.98 0.29
C VAL B 94 -2.97 5.43 0.61
N VAL B 95 -1.90 5.98 0.04
CA VAL B 95 -1.45 7.33 0.38
C VAL B 95 -1.51 8.19 -0.87
N PHE B 96 -2.14 9.35 -0.77
CA PHE B 96 -2.41 10.17 -1.95
C PHE B 96 -2.56 11.63 -1.59
N THR B 97 -2.45 12.51 -2.59
CA THR B 97 -2.73 13.93 -2.37
C THR B 97 -4.10 14.30 -2.90
N ALA B 98 -4.88 14.99 -2.07
CA ALA B 98 -6.15 15.54 -2.52
C ALA B 98 -5.85 16.84 -3.24
N ASN B 99 -6.38 17.00 -4.45
CA ASN B 99 -6.11 18.15 -5.30
CA ASN B 99 -6.11 18.16 -5.30
C ASN B 99 -7.40 18.81 -5.78
N ASP B 100 -7.58 20.08 -5.46
CA ASP B 100 -8.80 20.78 -5.82
C ASP B 100 -9.00 20.97 -7.33
N SER B 101 -7.90 21.02 -8.06
CA SER B 101 -7.97 21.16 -9.51
C SER B 101 -8.74 19.99 -10.13
N GLY B 102 -8.47 18.78 -9.64
CA GLY B 102 -9.11 17.59 -10.16
C GLY B 102 -10.56 17.46 -9.75
N PRO B 103 -11.23 16.39 -10.20
CA PRO B 103 -12.63 16.09 -9.88
C PRO B 103 -12.88 16.04 -8.36
N ARG B 104 -14.15 16.18 -7.97
CA ARG B 104 -14.50 16.46 -6.58
C ARG B 104 -14.64 15.21 -5.71
N ARG B 105 -14.97 14.08 -6.31
CA ARG B 105 -15.31 12.90 -5.54
C ARG B 105 -14.28 11.79 -5.67
N TYR B 106 -13.77 11.31 -4.54
CA TYR B 106 -12.75 10.25 -4.55
C TYR B 106 -13.32 8.95 -4.03
N THR B 107 -13.24 7.90 -4.84
CA THR B 107 -13.51 6.55 -4.37
C THR B 107 -12.21 5.79 -4.35
N ILE B 108 -11.84 5.28 -3.18
CA ILE B 108 -10.67 4.44 -3.04
C ILE B 108 -11.17 3.01 -2.97
N ALA B 109 -10.85 2.19 -3.96
CA ALA B 109 -11.28 0.80 -3.97
C ALA B 109 -10.11 -0.14 -3.75
N ALA B 110 -10.34 -1.22 -3.01
CA ALA B 110 -9.30 -2.22 -2.75
C ALA B 110 -9.88 -3.60 -2.94
N LEU B 111 -9.13 -4.44 -3.63
CA LEU B 111 -9.47 -5.82 -3.90
C LEU B 111 -8.47 -6.69 -3.16
N LEU B 112 -8.97 -7.51 -2.25
CA LEU B 112 -8.12 -8.20 -1.28
C LEU B 112 -7.98 -9.70 -1.55
N SER B 113 -6.73 -10.17 -1.52
CA SER B 113 -6.40 -11.60 -1.43
C SER B 113 -5.44 -11.82 -0.25
N PRO B 114 -5.27 -13.07 0.21
CA PRO B 114 -4.40 -13.26 1.38
C PRO B 114 -2.96 -12.76 1.19
N TYR B 115 -2.38 -12.94 0.00
CA TYR B 115 -1.00 -12.48 -0.24
C TYR B 115 -0.87 -11.38 -1.27
N SER B 116 -1.98 -10.71 -1.57
CA SER B 116 -1.96 -9.65 -2.57
CA SER B 116 -1.96 -9.65 -2.56
C SER B 116 -3.11 -8.69 -2.35
N TYR B 117 -2.90 -7.43 -2.73
CA TYR B 117 -4.04 -6.53 -2.86
C TYR B 117 -3.81 -5.58 -4.00
N SER B 118 -4.91 -5.12 -4.57
N SER B 118 -4.91 -5.08 -4.55
CA SER B 118 -4.82 -4.08 -5.55
CA SER B 118 -4.90 -4.13 -5.67
C SER B 118 -5.61 -2.90 -5.02
C SER B 118 -5.79 -2.95 -5.32
N THR B 119 -5.30 -1.73 -5.53
CA THR B 119 -6.09 -0.56 -5.19
C THR B 119 -6.13 0.41 -6.37
N THR B 120 -7.28 1.03 -6.53
CA THR B 120 -7.42 2.05 -7.56
CA THR B 120 -7.49 2.03 -7.58
C THR B 120 -8.22 3.21 -7.01
N ALA B 121 -8.07 4.34 -7.68
CA ALA B 121 -8.81 5.53 -7.33
C ALA B 121 -9.72 5.85 -8.50
N VAL B 122 -10.99 6.11 -8.19
CA VAL B 122 -11.94 6.59 -9.19
C VAL B 122 -12.30 8.00 -8.76
N VAL B 123 -11.86 8.97 -9.55
CA VAL B 123 -12.01 10.37 -9.19
C VAL B 123 -12.94 11.02 -10.21
N THR B 124 -14.09 11.49 -9.74
CA THR B 124 -15.12 11.98 -10.65
C THR B 124 -15.72 13.31 -10.19
N ASN B 125 -16.56 13.89 -11.05
CA ASN B 125 -17.30 15.10 -10.69
C ASN B 125 -18.78 14.81 -10.58
C01 XOS C . 8.42 -12.61 -11.13
C02 XOS C . 7.83 -12.01 -12.22
C03 XOS C . 6.58 -11.41 -12.10
C04 XOS C . 5.93 -11.42 -10.87
C05 XOS C . 6.52 -12.04 -9.78
C06 XOS C . 7.76 -12.63 -9.90
C07 XOS C . 4.56 -10.79 -10.69
C08 XOS C . 3.80 -10.21 -11.63
C09 XOS C . 2.45 -9.60 -11.35
C10 XOS C . 2.29 -8.73 -10.28
C11 XOS C . 1.05 -8.17 -10.01
C12 XOS C . -0.04 -8.48 -10.80
C13 XOS C . 0.11 -9.36 -11.87
C14 XOS C . 1.35 -9.92 -12.14
C15 XOS C . 8.56 -12.00 -13.54
O01 XOS C . -1.29 -7.92 -10.53
O02 XOS C . 9.51 -12.80 -13.73
O03 XOS C . 8.23 -11.20 -14.46
C01 XOS D . -17.09 0.36 -7.60
C02 XOS D . -17.06 -1.01 -7.73
C03 XOS D . -15.87 -1.67 -7.96
C04 XOS D . -14.69 -0.93 -8.06
C05 XOS D . -14.72 0.45 -7.93
C06 XOS D . -15.92 1.10 -7.71
C07 XOS D . -13.36 -1.60 -8.30
C08 XOS D . -13.14 -2.90 -8.57
C09 XOS D . -11.76 -3.47 -8.79
C10 XOS D . -10.71 -3.01 -8.03
C11 XOS D . -9.43 -3.51 -8.21
C12 XOS D . -9.20 -4.49 -9.16
C13 XOS D . -10.26 -4.95 -9.93
C14 XOS D . -11.53 -4.45 -9.75
C15 XOS D . -18.36 -1.79 -7.62
O01 XOS D . -7.91 -4.99 -9.35
O02 XOS D . -18.35 -3.05 -7.73
O03 XOS D . -19.43 -1.18 -7.41
#